data_1LLO
#
_entry.id   1LLO
#
_cell.length_a   52.330
_cell.length_b   57.990
_cell.length_c   82.250
_cell.angle_alpha   90.00
_cell.angle_beta   90.00
_cell.angle_gamma   90.00
#
_symmetry.space_group_name_H-M   'P 21 21 21'
#
loop_
_entity.id
_entity.type
_entity.pdbx_description
1 polymer Hevamine-A
2 branched 2-acetamido-2-deoxy-beta-D-allopyranose-(1-4)-2-acetamido-2-deoxy-beta-D-allopyranose
3 non-polymer ALLOSAMIZOLINE
4 water water
#
_entity_poly.entity_id   1
_entity_poly.type   'polypeptide(L)'
_entity_poly.pdbx_seq_one_letter_code
;GGIAIYWGQNGNEGTLTQTCSTRKYSYVNIAFLNKFGNGQTPQINLAGHCNPAAGGCTIVSNGIRSCQIQGIKVMLSLGG
GIGSYTLASQADAKNVADYLWNNFLGGKSSSRPLGDAVLDGIDFDIEHGSTLYWDDLARYLSAYSKQGKKVYLTAAPQCP
FPDRYLGTALNTGLFDYVWVQFYNNPPCQYSSGNINNIINSWNRWTTSINAGKIFLGLPAAPEAAGSGYVPPDVLISRIL
PEIKKSPKYGGVMLWSKFYDDKNGYSSSILDSV
;
_entity_poly.pdbx_strand_id   A
#
loop_
_chem_comp.id
_chem_comp.type
_chem_comp.name
_chem_comp.formula
AMI non-polymer ALLOSAMIZOLINE 'C9 H16 N2 O4'
NAA D-saccharide, beta linking 2-acetamido-2-deoxy-beta-D-allopyranose 'C8 H15 N O6'
#
# COMPACT_ATOMS: atom_id res chain seq x y z
N GLY A 1 -2.37 -8.13 15.49
CA GLY A 1 -2.00 -6.99 14.65
C GLY A 1 -3.24 -6.25 14.08
N GLY A 2 -3.11 -5.69 12.88
CA GLY A 2 -4.21 -4.94 12.26
C GLY A 2 -4.31 -5.18 10.76
N ILE A 3 -5.34 -4.60 10.17
CA ILE A 3 -5.62 -4.77 8.74
C ILE A 3 -5.32 -3.52 7.95
N ALA A 4 -4.58 -3.67 6.84
CA ALA A 4 -4.28 -2.54 5.96
C ALA A 4 -5.19 -2.74 4.73
N ILE A 5 -5.88 -1.69 4.30
CA ILE A 5 -6.80 -1.81 3.16
C ILE A 5 -6.40 -0.83 2.06
N TYR A 6 -6.64 -1.17 0.81
CA TYR A 6 -6.42 -0.22 -0.27
C TYR A 6 -7.78 0.30 -0.69
N TRP A 7 -7.83 1.60 -0.89
CA TRP A 7 -9.04 2.29 -1.25
C TRP A 7 -8.75 3.22 -2.44
N GLY A 8 -9.70 3.35 -3.33
CA GLY A 8 -9.57 4.33 -4.40
C GLY A 8 -9.98 3.90 -5.81
N GLN A 9 -9.93 2.60 -6.06
CA GLN A 9 -10.10 2.10 -7.43
C GLN A 9 -11.50 1.66 -7.87
N ASN A 10 -12.50 1.91 -7.01
CA ASN A 10 -13.89 1.65 -7.36
C ASN A 10 -14.77 2.68 -6.71
N GLY A 11 -15.36 3.52 -7.54
CA GLY A 11 -16.24 4.59 -7.11
C GLY A 11 -17.37 4.13 -6.22
N ASN A 12 -17.78 2.88 -6.32
CA ASN A 12 -18.90 2.41 -5.49
C ASN A 12 -18.54 1.87 -4.11
N GLU A 13 -17.28 1.94 -3.71
CA GLU A 13 -16.84 1.32 -2.47
C GLU A 13 -16.99 2.20 -1.23
N GLY A 14 -17.61 3.36 -1.37
CA GLY A 14 -17.77 4.23 -0.22
C GLY A 14 -16.69 5.31 -0.08
N THR A 15 -17.02 6.35 0.68
CA THR A 15 -16.08 7.46 0.92
C THR A 15 -14.93 7.02 1.83
N LEU A 16 -13.85 7.80 1.83
CA LEU A 16 -12.72 7.48 2.72
C LEU A 16 -13.22 7.58 4.17
N THR A 17 -14.05 8.57 4.44
CA THR A 17 -14.61 8.69 5.78
C THR A 17 -15.35 7.42 6.16
N GLN A 18 -16.23 6.92 5.29
CA GLN A 18 -17.00 5.72 5.66
C GLN A 18 -16.07 4.54 5.90
N THR A 19 -15.07 4.44 5.03
CA THR A 19 -14.12 3.33 5.08
C THR A 19 -13.43 3.32 6.46
N CYS A 20 -13.04 4.50 6.95
CA CYS A 20 -12.35 4.56 8.24
C CYS A 20 -13.27 4.33 9.41
N SER A 21 -14.51 4.76 9.24
CA SER A 21 -15.51 4.61 10.29
C SER A 21 -15.93 3.17 10.53
N THR A 22 -15.57 2.24 9.64
CA THR A 22 -15.91 0.82 9.85
C THR A 22 -15.19 0.30 11.08
N ARG A 23 -14.11 0.97 11.48
CA ARG A 23 -13.31 0.47 12.59
C ARG A 23 -12.65 -0.88 12.28
N LYS A 24 -12.58 -1.29 11.03
CA LYS A 24 -11.95 -2.58 10.74
C LYS A 24 -10.49 -2.42 10.34
N TYR A 25 -10.14 -1.21 9.89
CA TYR A 25 -8.81 -0.96 9.33
C TYR A 25 -7.87 -0.09 10.17
N SER A 26 -6.58 -0.42 10.15
CA SER A 26 -5.59 0.35 10.89
C SER A 26 -4.78 1.22 9.95
N TYR A 27 -4.72 0.85 8.68
CA TYR A 27 -3.95 1.63 7.68
C TYR A 27 -4.79 1.68 6.43
N VAL A 28 -4.79 2.81 5.74
CA VAL A 28 -5.52 2.94 4.45
C VAL A 28 -4.51 3.48 3.44
N ASN A 29 -4.40 2.79 2.30
CA ASN A 29 -3.54 3.21 1.23
C ASN A 29 -4.43 3.72 0.10
N ILE A 30 -4.20 4.94 -0.35
CA ILE A 30 -5.02 5.54 -1.40
C ILE A 30 -4.37 5.21 -2.75
N ALA A 31 -5.12 4.50 -3.59
CA ALA A 31 -4.67 3.94 -4.86
C ALA A 31 -5.36 4.67 -6.05
N PHE A 32 -4.63 5.37 -6.95
CA PHE A 32 -3.17 5.40 -7.06
C PHE A 32 -2.74 6.73 -7.66
N LEU A 33 -1.48 7.08 -7.40
CA LEU A 33 -0.79 8.12 -8.18
C LEU A 33 -0.08 7.24 -9.27
N ASN A 34 -0.76 7.03 -10.41
CA ASN A 34 -0.27 6.07 -11.43
C ASN A 34 0.52 6.65 -12.59
N LYS A 35 0.72 7.94 -12.59
CA LYS A 35 1.50 8.53 -13.66
C LYS A 35 2.44 9.55 -13.03
N PHE A 36 3.72 9.37 -13.26
CA PHE A 36 4.75 10.28 -12.76
C PHE A 36 6.08 9.88 -13.38
N GLY A 37 7.08 10.74 -13.23
CA GLY A 37 8.41 10.41 -13.75
C GLY A 37 8.58 10.81 -15.22
N ASN A 38 9.85 10.89 -15.65
CA ASN A 38 10.19 11.18 -17.04
C ASN A 38 9.61 12.47 -17.65
N GLY A 39 9.44 13.48 -16.81
CA GLY A 39 8.92 14.79 -17.23
C GLY A 39 7.39 14.82 -17.30
N GLN A 40 6.72 13.73 -16.96
CA GLN A 40 5.25 13.74 -16.99
C GLN A 40 4.72 14.56 -15.83
N THR A 41 3.58 15.19 -16.03
CA THR A 41 2.86 15.84 -14.94
C THR A 41 2.18 14.71 -14.15
N PRO A 42 2.45 14.61 -12.85
CA PRO A 42 1.91 13.49 -12.07
C PRO A 42 0.40 13.57 -12.06
N GLN A 43 -0.24 12.42 -12.09
CA GLN A 43 -1.70 12.41 -12.04
C GLN A 43 -2.21 11.32 -11.12
N ILE A 44 -3.20 11.67 -10.33
CA ILE A 44 -3.85 10.71 -9.46
C ILE A 44 -5.08 10.10 -10.13
N ASN A 45 -5.32 8.81 -9.95
CA ASN A 45 -6.51 8.19 -10.47
C ASN A 45 -7.28 7.58 -9.33
N LEU A 46 -8.51 8.03 -9.11
CA LEU A 46 -9.35 7.48 -8.05
C LEU A 46 -10.66 6.97 -8.65
N ALA A 47 -10.54 6.37 -9.82
CA ALA A 47 -11.66 5.82 -10.56
C ALA A 47 -12.85 6.80 -10.54
N GLY A 48 -14.02 6.33 -10.15
CA GLY A 48 -15.22 7.18 -10.13
C GLY A 48 -15.43 7.98 -8.84
N HIS A 49 -14.48 7.92 -7.91
CA HIS A 49 -14.68 8.68 -6.69
C HIS A 49 -14.78 10.15 -6.97
N CYS A 50 -13.85 10.68 -7.75
CA CYS A 50 -13.82 12.12 -8.02
C CYS A 50 -12.92 12.36 -9.20
N ASN A 51 -13.00 13.56 -9.73
CA ASN A 51 -12.13 13.94 -10.82
C ASN A 51 -11.17 14.97 -10.26
N PRO A 52 -9.87 14.72 -10.36
CA PRO A 52 -8.86 15.59 -9.75
C PRO A 52 -8.73 17.01 -10.34
N ALA A 53 -9.27 17.20 -11.53
CA ALA A 53 -9.30 18.52 -12.16
C ALA A 53 -10.08 19.55 -11.32
N ALA A 54 -9.61 20.80 -11.39
CA ALA A 54 -10.32 21.91 -10.74
C ALA A 54 -10.52 21.66 -9.25
N GLY A 55 -9.62 20.88 -8.67
CA GLY A 55 -9.72 20.54 -7.25
C GLY A 55 -10.93 19.69 -6.93
N GLY A 56 -11.37 18.88 -7.89
CA GLY A 56 -12.49 17.98 -7.66
C GLY A 56 -12.21 16.91 -6.57
N CYS A 57 -10.94 16.60 -6.31
CA CYS A 57 -10.64 15.60 -5.30
C CYS A 57 -10.20 16.16 -3.94
N THR A 58 -10.22 17.48 -3.77
CA THR A 58 -9.80 18.07 -2.50
C THR A 58 -10.74 17.69 -1.37
N ILE A 59 -11.90 17.18 -1.76
CA ILE A 59 -12.90 16.74 -0.80
C ILE A 59 -12.35 15.56 0.02
N VAL A 60 -11.39 14.86 -0.54
CA VAL A 60 -10.81 13.71 0.15
C VAL A 60 -10.10 14.05 1.48
N SER A 61 -9.61 15.29 1.60
CA SER A 61 -8.97 15.73 2.84
C SER A 61 -9.87 15.56 4.04
N ASN A 62 -11.19 15.66 3.83
CA ASN A 62 -12.14 15.49 4.93
C ASN A 62 -11.98 14.07 5.50
N GLY A 63 -11.99 13.07 4.61
CA GLY A 63 -11.79 11.69 5.01
C GLY A 63 -10.39 11.44 5.61
N ILE A 64 -9.36 12.05 5.02
CA ILE A 64 -8.02 11.86 5.54
C ILE A 64 -7.93 12.29 6.99
N ARG A 65 -8.48 13.45 7.28
CA ARG A 65 -8.47 13.98 8.64
C ARG A 65 -9.29 13.11 9.57
N SER A 66 -10.44 12.69 9.07
CA SER A 66 -11.35 11.83 9.83
C SER A 66 -10.66 10.51 10.21
N CYS A 67 -9.90 9.93 9.26
CA CYS A 67 -9.15 8.71 9.55
C CYS A 67 -8.10 8.96 10.62
N GLN A 68 -7.33 10.03 10.44
CA GLN A 68 -6.20 10.35 11.32
C GLN A 68 -6.60 10.61 12.74
N ILE A 69 -7.75 11.26 12.88
CA ILE A 69 -8.35 11.59 14.17
C ILE A 69 -8.62 10.29 14.94
N GLN A 70 -8.88 9.23 14.19
CA GLN A 70 -9.13 7.92 14.79
C GLN A 70 -7.91 7.04 14.91
N GLY A 71 -6.73 7.63 14.69
CA GLY A 71 -5.50 6.91 14.80
C GLY A 71 -5.11 6.02 13.64
N ILE A 72 -5.79 6.16 12.51
CA ILE A 72 -5.48 5.37 11.30
C ILE A 72 -4.45 6.12 10.44
N LYS A 73 -3.41 5.42 10.00
CA LYS A 73 -2.42 6.07 9.13
C LYS A 73 -2.88 5.95 7.67
N VAL A 74 -2.73 7.04 6.94
CA VAL A 74 -3.16 7.14 5.54
C VAL A 74 -1.96 7.45 4.59
N MET A 75 -1.72 6.55 3.63
CA MET A 75 -0.60 6.64 2.71
C MET A 75 -1.11 6.84 1.29
N LEU A 76 -0.32 7.53 0.49
CA LEU A 76 -0.64 7.67 -0.93
C LEU A 76 0.17 6.56 -1.60
N SER A 77 -0.51 5.73 -2.41
CA SER A 77 0.17 4.61 -3.07
C SER A 77 0.61 4.99 -4.48
N LEU A 78 1.90 4.79 -4.74
CA LEU A 78 2.48 5.08 -6.05
C LEU A 78 2.40 3.82 -6.90
N GLY A 79 2.06 3.98 -8.17
CA GLY A 79 2.17 2.87 -9.10
C GLY A 79 0.88 2.14 -9.44
N GLY A 80 0.89 0.85 -9.17
CA GLY A 80 -0.26 0.01 -9.46
C GLY A 80 -0.04 -0.81 -10.73
N GLY A 81 -1.00 -1.68 -10.99
CA GLY A 81 -0.92 -2.57 -12.14
C GLY A 81 -0.97 -1.82 -13.47
N ILE A 82 -1.64 -0.68 -13.48
CA ILE A 82 -1.81 0.12 -14.69
C ILE A 82 -1.19 1.50 -14.55
N GLY A 83 -0.30 1.85 -15.47
CA GLY A 83 0.20 3.22 -15.45
C GLY A 83 1.54 3.44 -16.11
N SER A 84 1.80 4.68 -16.50
CA SER A 84 3.08 4.95 -17.15
C SER A 84 4.11 5.58 -16.22
N TYR A 85 4.12 5.14 -14.98
CA TYR A 85 5.03 5.69 -14.01
C TYR A 85 6.41 5.05 -14.19
N THR A 86 7.45 5.82 -13.88
CA THR A 86 8.81 5.32 -14.00
C THR A 86 9.70 6.39 -13.34
N LEU A 87 11.00 6.10 -13.19
CA LEU A 87 11.99 7.09 -12.76
C LEU A 87 13.08 7.00 -13.80
N ALA A 88 13.39 8.13 -14.46
CA ALA A 88 14.40 8.14 -15.52
C ALA A 88 15.84 8.33 -15.05
N SER A 89 16.02 8.83 -13.85
CA SER A 89 17.37 9.10 -13.39
C SER A 89 17.27 9.39 -11.91
N GLN A 90 18.42 9.58 -11.27
CA GLN A 90 18.41 9.94 -9.87
C GLN A 90 17.84 11.34 -9.70
N ALA A 91 17.99 12.20 -10.72
CA ALA A 91 17.41 13.54 -10.60
C ALA A 91 15.90 13.43 -10.60
N ASP A 92 15.39 12.50 -11.40
CA ASP A 92 13.94 12.29 -11.50
C ASP A 92 13.43 11.88 -10.10
N ALA A 93 14.18 11.02 -9.42
CA ALA A 93 13.81 10.57 -8.05
C ALA A 93 13.72 11.78 -7.15
N LYS A 94 14.65 12.71 -7.30
CA LYS A 94 14.59 13.92 -6.49
C LYS A 94 13.36 14.81 -6.83
N ASN A 95 13.10 15.00 -8.13
CA ASN A 95 11.98 15.84 -8.57
C ASN A 95 10.69 15.24 -8.04
N VAL A 96 10.57 13.93 -8.16
CA VAL A 96 9.34 13.26 -7.72
C VAL A 96 9.16 13.38 -6.20
N ALA A 97 10.24 13.21 -5.44
CA ALA A 97 10.15 13.34 -3.98
C ALA A 97 9.73 14.75 -3.60
N ASP A 98 10.30 15.76 -4.27
CA ASP A 98 9.94 17.13 -3.96
C ASP A 98 8.49 17.44 -4.30
N TYR A 99 8.02 16.89 -5.42
CA TYR A 99 6.60 17.06 -5.83
C TYR A 99 5.67 16.43 -4.78
N LEU A 100 6.01 15.22 -4.35
CA LEU A 100 5.23 14.53 -3.32
C LEU A 100 5.22 15.30 -2.00
N TRP A 101 6.39 15.82 -1.59
CA TRP A 101 6.47 16.61 -0.36
C TRP A 101 5.51 17.82 -0.41
N ASN A 102 5.58 18.57 -1.48
CA ASN A 102 4.78 19.77 -1.59
C ASN A 102 3.30 19.53 -1.84
N ASN A 103 2.97 18.44 -2.51
CA ASN A 103 1.57 18.20 -2.85
C ASN A 103 0.76 17.28 -1.96
N PHE A 104 1.45 16.40 -1.22
CA PHE A 104 0.72 15.42 -0.38
C PHE A 104 1.21 15.39 1.07
N LEU A 105 2.42 15.88 1.29
CA LEU A 105 3.05 15.86 2.62
C LEU A 105 3.16 17.27 3.22
N GLY A 106 4.18 17.51 4.01
CA GLY A 106 4.28 18.77 4.75
C GLY A 106 4.72 20.00 3.99
N GLY A 107 4.87 19.90 2.69
CA GLY A 107 5.32 21.05 1.89
C GLY A 107 4.18 21.94 1.47
N LYS A 108 4.42 22.80 0.49
CA LYS A 108 3.41 23.75 0.07
C LYS A 108 3.19 23.74 -1.43
N SER A 109 1.93 23.78 -1.83
CA SER A 109 1.57 23.84 -3.23
C SER A 109 0.18 24.48 -3.35
N SER A 110 -0.04 25.17 -4.47
CA SER A 110 -1.32 25.81 -4.77
C SER A 110 -2.32 24.80 -5.32
N SER A 111 -1.83 23.67 -5.81
CA SER A 111 -2.73 22.72 -6.36
C SER A 111 -2.58 21.31 -5.75
N ARG A 112 -2.74 21.18 -4.44
CA ARG A 112 -2.66 19.85 -3.79
C ARG A 112 -3.87 19.03 -4.29
N PRO A 113 -3.61 17.88 -4.92
CA PRO A 113 -4.70 17.11 -5.49
C PRO A 113 -5.77 16.63 -4.52
N LEU A 114 -5.35 16.23 -3.32
CA LEU A 114 -6.30 15.71 -2.32
C LEU A 114 -6.63 16.74 -1.25
N GLY A 115 -6.20 17.98 -1.43
CA GLY A 115 -6.57 19.02 -0.46
C GLY A 115 -5.48 19.29 0.52
N ASP A 116 -5.84 19.98 1.59
CA ASP A 116 -4.86 20.43 2.57
C ASP A 116 -4.38 19.45 3.61
N ALA A 117 -5.00 18.28 3.70
CA ALA A 117 -4.58 17.32 4.70
C ALA A 117 -3.16 16.87 4.37
N VAL A 118 -2.43 16.47 5.40
CA VAL A 118 -1.06 16.02 5.24
C VAL A 118 -1.10 14.51 5.43
N LEU A 119 -0.73 13.77 4.40
CA LEU A 119 -0.80 12.30 4.46
C LEU A 119 0.30 11.79 5.39
N ASP A 120 0.13 10.59 5.93
CA ASP A 120 1.14 10.07 6.84
C ASP A 120 2.38 9.57 6.14
N GLY A 121 2.23 9.10 4.91
CA GLY A 121 3.39 8.55 4.21
C GLY A 121 3.10 8.19 2.77
N ILE A 122 4.03 7.44 2.21
CA ILE A 122 3.99 7.07 0.80
C ILE A 122 4.15 5.56 0.68
N ASP A 123 3.25 4.94 -0.08
CA ASP A 123 3.28 3.49 -0.29
C ASP A 123 3.82 3.21 -1.69
N PHE A 124 4.70 2.22 -1.79
CA PHE A 124 5.31 1.88 -3.09
C PHE A 124 4.68 0.59 -3.64
N ASP A 125 3.91 0.73 -4.71
CA ASP A 125 3.35 -0.46 -5.38
C ASP A 125 3.89 -0.44 -6.82
N ILE A 126 5.22 -0.61 -6.92
CA ILE A 126 5.93 -0.55 -8.22
C ILE A 126 5.91 -1.96 -8.84
N GLU A 127 5.17 -2.12 -9.95
CA GLU A 127 4.97 -3.43 -10.55
C GLU A 127 5.56 -3.66 -11.92
N HIS A 128 6.04 -2.59 -12.53
CA HIS A 128 6.64 -2.70 -13.86
C HIS A 128 7.40 -1.40 -14.12
N GLY A 129 8.09 -1.31 -15.26
CA GLY A 129 8.80 -0.09 -15.62
C GLY A 129 10.27 -0.18 -15.24
N SER A 130 10.77 0.87 -14.62
CA SER A 130 12.16 0.95 -14.23
C SER A 130 12.41 0.21 -12.93
N THR A 131 13.54 -0.50 -12.84
CA THR A 131 13.90 -1.17 -11.60
C THR A 131 14.89 -0.27 -10.88
N LEU A 132 15.23 0.85 -11.49
CA LEU A 132 16.22 1.73 -10.85
C LEU A 132 15.61 2.91 -10.13
N TYR A 133 16.39 3.44 -9.20
CA TYR A 133 16.07 4.69 -8.51
C TYR A 133 15.00 4.70 -7.44
N TRP A 134 14.30 3.60 -7.23
CA TRP A 134 13.32 3.54 -6.13
C TRP A 134 13.96 3.69 -4.75
N ASP A 135 15.19 3.19 -4.60
CA ASP A 135 15.93 3.39 -3.37
C ASP A 135 16.27 4.89 -3.13
N ASP A 136 16.62 5.60 -4.19
CA ASP A 136 16.88 7.03 -4.06
C ASP A 136 15.61 7.75 -3.68
N LEU A 137 14.51 7.44 -4.37
CA LEU A 137 13.23 8.05 -4.04
C LEU A 137 12.92 7.80 -2.54
N ALA A 138 13.13 6.59 -2.04
CA ALA A 138 12.90 6.28 -0.60
C ALA A 138 13.81 7.15 0.30
N ARG A 139 15.10 7.27 -0.07
CA ARG A 139 16.03 8.12 0.67
C ARG A 139 15.61 9.59 0.72
N TYR A 140 15.25 10.13 -0.43
CA TYR A 140 14.86 11.51 -0.50
C TYR A 140 13.60 11.81 0.29
N LEU A 141 12.63 10.90 0.28
CA LEU A 141 11.38 11.10 1.04
C LEU A 141 11.69 11.01 2.52
N SER A 142 12.53 10.06 2.87
CA SER A 142 12.87 9.86 4.26
C SER A 142 13.59 11.08 4.88
N ALA A 143 14.36 11.80 4.09
CA ALA A 143 15.08 12.99 4.57
C ALA A 143 14.13 14.11 4.99
N TYR A 144 12.93 14.12 4.41
CA TYR A 144 11.98 15.15 4.71
C TYR A 144 11.44 14.99 6.13
N SER A 145 11.57 13.80 6.69
CA SER A 145 11.16 13.58 8.08
C SER A 145 11.95 14.48 9.06
N LYS A 146 13.18 14.82 8.68
CA LYS A 146 14.07 15.63 9.49
C LYS A 146 13.53 17.01 9.78
N GLN A 147 12.56 17.43 8.97
CA GLN A 147 11.91 18.70 9.21
C GLN A 147 10.96 18.68 10.42
N GLY A 148 10.70 17.48 10.93
CA GLY A 148 9.95 17.33 12.17
C GLY A 148 8.86 16.28 12.22
N LYS A 149 8.19 16.03 11.11
CA LYS A 149 7.09 15.09 11.14
C LYS A 149 7.44 13.91 10.24
N LYS A 150 7.33 12.71 10.81
CA LYS A 150 7.70 11.49 10.10
C LYS A 150 6.92 11.26 8.83
N VAL A 151 7.69 10.94 7.79
CA VAL A 151 7.13 10.49 6.53
C VAL A 151 7.24 8.93 6.56
N TYR A 152 6.12 8.25 6.76
CA TYR A 152 6.10 6.78 6.74
C TYR A 152 6.40 6.26 5.30
N LEU A 153 7.10 5.16 5.21
CA LEU A 153 7.39 4.56 3.91
C LEU A 153 6.89 3.13 3.99
N THR A 154 6.02 2.78 3.06
CA THR A 154 5.44 1.43 3.04
C THR A 154 5.61 0.88 1.62
N ALA A 155 5.56 -0.45 1.50
CA ALA A 155 5.77 -1.09 0.20
C ALA A 155 4.90 -2.34 0.04
N ALA A 156 4.49 -2.57 -1.21
CA ALA A 156 3.67 -3.70 -1.59
C ALA A 156 4.38 -4.56 -2.64
N PRO A 157 5.51 -5.19 -2.31
CA PRO A 157 6.21 -6.02 -3.30
C PRO A 157 5.39 -7.28 -3.61
N GLN A 158 5.75 -7.97 -4.70
CA GLN A 158 5.10 -9.23 -4.96
C GLN A 158 5.84 -10.26 -4.17
N CYS A 159 5.20 -11.41 -3.90
CA CYS A 159 5.88 -12.38 -3.07
C CYS A 159 7.19 -13.04 -3.51
N PRO A 160 7.48 -13.19 -4.80
CA PRO A 160 8.74 -13.88 -5.10
C PRO A 160 9.90 -13.01 -4.62
N PHE A 161 10.75 -13.58 -3.77
CA PHE A 161 11.85 -12.87 -3.12
C PHE A 161 13.18 -13.15 -3.82
N PRO A 162 13.98 -12.13 -4.13
CA PRO A 162 13.69 -10.72 -3.88
C PRO A 162 12.88 -10.10 -5.00
N ASP A 163 12.18 -9.01 -4.67
CA ASP A 163 11.35 -8.28 -5.64
C ASP A 163 12.21 -7.53 -6.63
N ARG A 164 11.98 -7.75 -7.92
CA ARG A 164 12.80 -7.12 -8.95
C ARG A 164 12.75 -5.59 -8.91
N TYR A 165 11.61 -5.05 -8.53
CA TYR A 165 11.50 -3.59 -8.51
C TYR A 165 11.82 -2.92 -7.20
N LEU A 166 11.48 -3.56 -6.08
CA LEU A 166 11.60 -2.93 -4.76
C LEU A 166 12.68 -3.55 -3.85
N GLY A 167 13.34 -4.58 -4.35
CA GLY A 167 14.40 -5.25 -3.58
C GLY A 167 15.46 -4.30 -3.03
N THR A 168 16.00 -3.45 -3.89
CA THR A 168 17.05 -2.53 -3.43
C THR A 168 16.51 -1.49 -2.45
N ALA A 169 15.34 -0.94 -2.78
CA ALA A 169 14.71 0.02 -1.88
C ALA A 169 14.42 -0.61 -0.51
N LEU A 170 13.98 -1.86 -0.48
CA LEU A 170 13.68 -2.52 0.80
C LEU A 170 14.98 -2.78 1.58
N ASN A 171 16.07 -3.03 0.84
CA ASN A 171 17.38 -3.27 1.47
C ASN A 171 17.89 -2.03 2.21
N THR A 172 17.36 -0.84 1.95
CA THR A 172 17.86 0.37 2.64
C THR A 172 17.51 0.36 4.12
N GLY A 173 16.56 -0.50 4.51
CA GLY A 173 16.10 -0.55 5.88
C GLY A 173 15.20 0.63 6.24
N LEU A 174 14.80 1.44 5.28
CA LEU A 174 13.97 2.62 5.57
C LEU A 174 12.42 2.39 5.71
N PHE A 175 11.93 1.25 5.24
CA PHE A 175 10.49 1.02 5.22
C PHE A 175 9.94 0.61 6.59
N ASP A 176 8.82 1.23 6.96
CA ASP A 176 8.16 0.98 8.22
C ASP A 176 7.32 -0.28 8.09
N TYR A 177 6.48 -0.36 7.06
CA TYR A 177 5.55 -1.49 6.89
C TYR A 177 5.65 -2.03 5.49
N VAL A 178 5.70 -3.35 5.39
CA VAL A 178 5.78 -4.00 4.08
C VAL A 178 4.67 -5.05 3.99
N TRP A 179 3.70 -4.83 3.11
CA TRP A 179 2.58 -5.78 2.94
C TRP A 179 2.84 -6.52 1.63
N VAL A 180 3.40 -7.72 1.76
CA VAL A 180 3.77 -8.53 0.61
C VAL A 180 2.53 -9.11 -0.08
N GLN A 181 2.51 -9.08 -1.41
CA GLN A 181 1.34 -9.59 -2.14
C GLN A 181 1.51 -11.10 -2.37
N PHE A 182 0.89 -11.93 -1.52
CA PHE A 182 1.01 -13.38 -1.63
C PHE A 182 -0.06 -13.93 -2.55
N TYR A 183 -0.16 -13.39 -3.77
CA TYR A 183 -1.15 -13.86 -4.76
C TYR A 183 -0.74 -13.37 -6.13
N ASN A 184 -1.41 -13.86 -7.16
CA ASN A 184 -1.01 -13.59 -8.52
C ASN A 184 0.42 -14.05 -8.78
N ASN A 185 0.87 -15.02 -7.99
CA ASN A 185 2.24 -15.52 -8.14
C ASN A 185 2.24 -16.98 -7.64
N PRO A 186 2.11 -17.94 -8.56
CA PRO A 186 2.03 -19.37 -8.18
C PRO A 186 3.04 -19.93 -7.17
N PRO A 187 4.31 -19.64 -7.32
CA PRO A 187 5.28 -20.26 -6.43
C PRO A 187 5.20 -19.85 -4.97
N CYS A 188 4.50 -18.77 -4.67
CA CYS A 188 4.44 -18.27 -3.28
C CYS A 188 3.04 -17.95 -2.76
N GLN A 189 2.01 -18.48 -3.42
CA GLN A 189 0.65 -18.21 -2.99
C GLN A 189 0.00 -19.50 -2.54
N TYR A 190 -1.21 -19.37 -2.02
CA TYR A 190 -1.97 -20.52 -1.58
C TYR A 190 -2.53 -21.23 -2.80
N SER A 191 -2.55 -22.55 -2.76
CA SER A 191 -3.30 -23.33 -3.73
C SER A 191 -4.02 -24.41 -2.90
N SER A 192 -5.23 -24.77 -3.33
CA SER A 192 -6.07 -25.70 -2.58
C SER A 192 -5.36 -26.86 -1.89
N GLY A 193 -5.45 -26.87 -0.58
CA GLY A 193 -4.81 -27.90 0.23
C GLY A 193 -3.32 -27.69 0.49
N ASN A 194 -2.71 -26.75 -0.20
CA ASN A 194 -1.28 -26.53 0.00
C ASN A 194 -0.95 -25.14 0.57
N ILE A 195 -0.44 -25.13 1.79
CA ILE A 195 -0.07 -23.87 2.42
C ILE A 195 1.46 -23.76 2.48
N ASN A 196 2.17 -24.79 2.01
CA ASN A 196 3.63 -24.78 2.06
C ASN A 196 4.30 -23.61 1.35
N ASN A 197 3.83 -23.32 0.13
CA ASN A 197 4.45 -22.26 -0.67
C ASN A 197 4.31 -20.91 0.00
N ILE A 198 3.15 -20.65 0.56
CA ILE A 198 2.95 -19.36 1.20
C ILE A 198 3.76 -19.21 2.49
N ILE A 199 3.84 -20.28 3.28
CA ILE A 199 4.59 -20.24 4.55
C ILE A 199 6.08 -20.11 4.29
N ASN A 200 6.56 -20.91 3.34
CA ASN A 200 7.95 -20.88 2.98
C ASN A 200 8.39 -19.48 2.51
N SER A 201 7.51 -18.82 1.76
CA SER A 201 7.76 -17.45 1.27
C SER A 201 7.72 -16.45 2.47
N TRP A 202 6.69 -16.56 3.30
CA TRP A 202 6.59 -15.73 4.49
C TRP A 202 7.93 -15.81 5.31
N ASN A 203 8.48 -17.02 5.45
CA ASN A 203 9.72 -17.20 6.20
C ASN A 203 10.88 -16.50 5.56
N ARG A 204 10.89 -16.46 4.23
CA ARG A 204 11.97 -15.78 3.54
C ARG A 204 11.89 -14.25 3.76
N TRP A 205 10.67 -13.72 3.66
CA TRP A 205 10.45 -12.30 3.80
C TRP A 205 10.77 -11.82 5.21
N THR A 206 10.24 -12.53 6.20
CA THR A 206 10.42 -12.10 7.58
C THR A 206 11.86 -12.29 8.09
N THR A 207 12.66 -13.14 7.47
CA THR A 207 14.03 -13.27 7.93
C THR A 207 15.03 -12.45 7.14
N SER A 208 14.62 -11.97 5.97
CA SER A 208 15.50 -11.27 5.02
C SER A 208 15.50 -9.75 5.01
N ILE A 209 14.40 -9.10 5.32
CA ILE A 209 14.50 -7.66 5.23
C ILE A 209 14.31 -6.99 6.59
N ASN A 210 14.89 -5.82 6.73
CA ASN A 210 14.72 -5.04 7.95
C ASN A 210 13.65 -4.02 7.64
N ALA A 211 12.49 -4.21 8.25
CA ALA A 211 11.41 -3.25 8.12
C ALA A 211 10.74 -3.38 9.47
N GLY A 212 9.94 -2.41 9.85
CA GLY A 212 9.26 -2.47 11.11
C GLY A 212 8.37 -3.72 11.25
N LYS A 213 7.44 -3.89 10.32
CA LYS A 213 6.49 -4.98 10.44
C LYS A 213 6.17 -5.43 9.03
N ILE A 214 5.89 -6.72 8.89
CA ILE A 214 5.57 -7.30 7.59
C ILE A 214 4.13 -7.84 7.66
N PHE A 215 3.36 -7.60 6.61
CA PHE A 215 1.93 -8.02 6.54
C PHE A 215 1.68 -9.02 5.42
N LEU A 216 0.72 -9.93 5.65
CA LEU A 216 0.35 -10.91 4.62
C LEU A 216 -0.72 -10.26 3.75
N GLY A 217 -0.39 -9.94 2.51
CA GLY A 217 -1.33 -9.29 1.58
C GLY A 217 -2.09 -10.32 0.79
N LEU A 218 -3.41 -10.16 0.74
CA LEU A 218 -4.31 -11.12 0.09
C LEU A 218 -5.40 -10.40 -0.65
N PRO A 219 -6.04 -11.10 -1.58
CA PRO A 219 -7.22 -10.55 -2.27
C PRO A 219 -8.44 -10.84 -1.36
N ALA A 220 -9.32 -9.86 -1.24
CA ALA A 220 -10.45 -9.96 -0.32
C ALA A 220 -11.61 -10.77 -0.89
N ALA A 221 -11.53 -11.12 -2.18
CA ALA A 221 -12.57 -11.92 -2.90
C ALA A 221 -11.90 -12.62 -4.06
N PRO A 222 -12.50 -13.70 -4.55
CA PRO A 222 -11.89 -14.41 -5.65
C PRO A 222 -11.81 -13.51 -6.91
N GLU A 223 -12.71 -12.54 -7.02
CA GLU A 223 -12.70 -11.61 -8.16
C GLU A 223 -11.57 -10.55 -8.08
N ALA A 224 -11.00 -10.35 -6.91
CA ALA A 224 -9.98 -9.32 -6.69
C ALA A 224 -8.60 -9.64 -7.26
N ALA A 225 -8.40 -10.88 -7.69
CA ALA A 225 -7.10 -11.31 -8.21
C ALA A 225 -7.26 -12.42 -9.22
N GLY A 226 -6.24 -12.61 -10.07
CA GLY A 226 -6.29 -13.68 -11.06
C GLY A 226 -6.17 -15.02 -10.36
N SER A 227 -5.37 -15.07 -9.31
CA SER A 227 -5.17 -16.31 -8.55
C SER A 227 -4.69 -16.06 -7.13
N GLY A 228 -4.85 -17.05 -6.26
CA GLY A 228 -4.32 -17.00 -4.89
C GLY A 228 -5.25 -16.60 -3.74
N TYR A 229 -6.56 -16.55 -4.03
CA TYR A 229 -7.55 -16.23 -3.02
C TYR A 229 -7.57 -17.33 -1.95
N VAL A 230 -7.64 -16.93 -0.68
CA VAL A 230 -7.62 -17.89 0.41
C VAL A 230 -8.95 -17.75 1.17
N PRO A 231 -9.75 -18.80 1.28
CA PRO A 231 -11.02 -18.69 2.01
C PRO A 231 -10.71 -18.36 3.46
N PRO A 232 -11.55 -17.55 4.09
CA PRO A 232 -11.31 -17.11 5.46
C PRO A 232 -11.02 -18.21 6.45
N ASP A 233 -11.74 -19.30 6.35
CA ASP A 233 -11.56 -20.38 7.30
C ASP A 233 -10.15 -20.99 7.25
N VAL A 234 -9.61 -21.13 6.05
CA VAL A 234 -8.29 -21.71 5.88
C VAL A 234 -7.26 -20.75 6.49
N LEU A 235 -7.43 -19.45 6.25
CA LEU A 235 -6.51 -18.44 6.78
C LEU A 235 -6.44 -18.50 8.31
N ILE A 236 -7.65 -18.48 8.87
CA ILE A 236 -7.84 -18.52 10.31
C ILE A 236 -7.31 -19.81 10.93
N SER A 237 -7.64 -20.97 10.38
CA SER A 237 -7.18 -22.23 10.98
C SER A 237 -5.78 -22.71 10.64
N ARG A 238 -5.31 -22.41 9.42
CA ARG A 238 -4.02 -22.94 9.02
C ARG A 238 -2.90 -21.93 8.86
N ILE A 239 -3.20 -20.76 8.32
CA ILE A 239 -2.14 -19.81 8.03
C ILE A 239 -1.78 -18.87 9.17
N LEU A 240 -2.77 -18.17 9.73
CA LEU A 240 -2.48 -17.23 10.79
C LEU A 240 -1.70 -17.79 12.01
N PRO A 241 -2.10 -18.97 12.50
CA PRO A 241 -1.44 -19.54 13.68
C PRO A 241 0.05 -19.70 13.45
N GLU A 242 0.45 -19.88 12.20
CA GLU A 242 1.88 -20.03 11.87
C GLU A 242 2.57 -18.68 11.69
N ILE A 243 2.00 -17.83 10.86
CA ILE A 243 2.66 -16.56 10.59
C ILE A 243 2.70 -15.59 11.78
N LYS A 244 1.73 -15.74 12.70
CA LYS A 244 1.71 -14.90 13.88
C LYS A 244 2.85 -15.18 14.84
N LYS A 245 3.57 -16.28 14.65
CA LYS A 245 4.69 -16.56 15.51
C LYS A 245 5.86 -15.61 15.27
N SER A 246 5.95 -15.04 14.07
CA SER A 246 7.06 -14.14 13.78
C SER A 246 6.92 -12.84 14.54
N PRO A 247 8.01 -12.33 15.15
CA PRO A 247 7.93 -11.05 15.86
C PRO A 247 7.75 -9.91 14.88
N LYS A 248 8.03 -10.15 13.61
CA LYS A 248 7.86 -9.11 12.59
C LYS A 248 6.43 -9.03 12.04
N TYR A 249 5.56 -9.96 12.45
CA TYR A 249 4.16 -10.01 12.01
C TYR A 249 3.44 -8.71 12.39
N GLY A 250 2.80 -8.07 11.43
CA GLY A 250 2.10 -6.85 11.70
C GLY A 250 0.61 -7.04 11.46
N GLY A 251 0.22 -8.04 10.68
CA GLY A 251 -1.19 -8.17 10.37
C GLY A 251 -1.37 -8.61 8.94
N VAL A 252 -2.52 -8.25 8.41
CA VAL A 252 -2.96 -8.67 7.09
C VAL A 252 -3.26 -7.45 6.22
N MET A 253 -2.96 -7.54 4.93
CA MET A 253 -3.32 -6.43 4.02
C MET A 253 -4.31 -6.98 2.96
N LEU A 254 -5.33 -6.19 2.59
CA LEU A 254 -6.29 -6.66 1.61
C LEU A 254 -6.46 -5.71 0.42
N TRP A 255 -6.57 -6.29 -0.78
CA TRP A 255 -6.98 -5.54 -1.96
C TRP A 255 -8.42 -6.05 -2.20
N SER A 256 -9.47 -5.24 -2.08
CA SER A 256 -9.45 -3.81 -1.81
C SER A 256 -10.74 -3.58 -1.03
N LYS A 257 -11.01 -2.32 -0.67
CA LYS A 257 -12.23 -1.95 0.07
C LYS A 257 -13.50 -2.47 -0.65
N PHE A 258 -13.59 -2.20 -1.95
CA PHE A 258 -14.72 -2.66 -2.73
C PHE A 258 -15.04 -4.17 -2.60
N TYR A 259 -14.04 -5.02 -2.81
CA TYR A 259 -14.20 -6.46 -2.70
C TYR A 259 -14.42 -6.93 -1.27
N ASP A 260 -13.83 -6.24 -0.31
CA ASP A 260 -14.01 -6.62 1.08
C ASP A 260 -15.49 -6.49 1.50
N ASP A 261 -16.14 -5.41 1.03
CA ASP A 261 -17.56 -5.17 1.32
C ASP A 261 -18.42 -6.30 0.73
N LYS A 262 -18.10 -6.68 -0.50
CA LYS A 262 -18.89 -7.68 -1.20
C LYS A 262 -18.76 -9.06 -0.59
N ASN A 263 -17.55 -9.39 -0.17
CA ASN A 263 -17.22 -10.71 0.31
C ASN A 263 -17.21 -10.84 1.82
N GLY A 264 -17.25 -9.72 2.54
CA GLY A 264 -17.23 -9.75 4.01
C GLY A 264 -15.96 -10.39 4.54
N TYR A 265 -14.82 -10.11 3.90
CA TYR A 265 -13.57 -10.76 4.30
C TYR A 265 -13.02 -10.32 5.64
N SER A 266 -12.81 -9.02 5.82
CA SER A 266 -12.31 -8.52 7.09
C SER A 266 -13.32 -8.74 8.27
N SER A 267 -14.60 -8.80 7.95
CA SER A 267 -15.58 -9.07 8.99
C SER A 267 -15.35 -10.47 9.54
N SER A 268 -15.01 -11.40 8.66
CA SER A 268 -14.77 -12.78 9.10
C SER A 268 -13.45 -12.98 9.85
N ILE A 269 -12.42 -12.22 9.50
CA ILE A 269 -11.13 -12.50 10.09
C ILE A 269 -10.65 -11.53 11.14
N LEU A 270 -11.39 -10.43 11.34
CA LEU A 270 -10.94 -9.34 12.16
C LEU A 270 -10.27 -9.68 13.46
N ASP A 271 -10.90 -10.51 14.28
CA ASP A 271 -10.37 -10.76 15.64
C ASP A 271 -9.22 -11.72 15.67
N SER A 272 -9.07 -12.49 14.60
CA SER A 272 -7.98 -13.44 14.47
C SER A 272 -6.64 -12.81 14.04
N VAL A 273 -6.70 -11.60 13.44
CA VAL A 273 -5.53 -10.87 12.94
C VAL A 273 -4.69 -10.28 14.09
C1 NAA B . -6.29 -3.32 -10.29
C2 NAA B . -7.86 -3.26 -10.47
C3 NAA B . -8.29 -2.41 -11.69
C4 NAA B . -7.56 -1.04 -11.56
C5 NAA B . -6.01 -1.29 -11.49
C6 NAA B . -5.22 0.02 -11.44
C7 NAA B . -9.06 -5.26 -9.72
C8 NAA B . -9.52 -6.63 -9.99
N2 NAA B . -8.36 -4.59 -10.65
O3 NAA B . -7.85 -3.10 -12.89
O4 NAA B . -7.73 -0.35 -12.79
O5 NAA B . -5.72 -2.00 -10.27
O6 NAA B . -3.84 -0.24 -11.30
O7 NAA B . -9.37 -4.71 -8.66
C1 NAA B . -8.83 0.55 -12.72
C2 NAA B . -8.49 1.79 -13.57
C3 NAA B . -9.75 2.71 -13.70
C4 NAA B . -10.94 1.85 -14.20
C5 NAA B . -11.06 0.70 -13.15
C6 NAA B . -12.30 -0.21 -13.26
C7 NAA B . -6.34 3.06 -13.63
C8 NAA B . -6.35 3.03 -15.06
N2 NAA B . -7.39 2.48 -12.98
O3 NAA B . -10.12 3.29 -12.45
O4 NAA B . -12.07 2.73 -14.11
O5 NAA B . -9.93 -0.17 -13.29
O6 NAA B . -12.25 -0.92 -14.47
O7 NAA B . -5.38 3.64 -13.01
C1 AMI C . -3.11 -5.51 -7.41
C2 AMI C . -2.47 -4.19 -7.92
C3 AMI C . -3.66 -3.35 -8.40
C4 AMI C . -4.64 -4.40 -8.95
C5 AMI C . -4.58 -5.44 -7.86
C6 AMI C . -5.11 -6.79 -8.36
C7 AMI C . -2.29 -4.31 -5.68
C8 AMI C . -1.26 -2.97 -4.00
C9 AMI C . -2.42 -4.98 -3.30
N2 AMI C . -1.89 -3.61 -6.76
N7 AMI C . -2.01 -4.11 -4.36
O3 AMI C . -3.23 -2.48 -9.42
O4 AMI C . -5.98 -3.91 -9.03
O6 AMI C . -5.21 -7.64 -7.24
O7 AMI C . -3.02 -5.40 -5.99
#